data_6SZO
#
_entry.id   6SZO
#
_cell.length_a   44.626
_cell.length_b   46.138
_cell.length_c   50.195
_cell.angle_alpha   63.653
_cell.angle_beta   86.794
_cell.angle_gamma   71.166
#
_symmetry.space_group_name_H-M   'P 1'
#
loop_
_entity.id
_entity.type
_entity.pdbx_description
1 polymer 'glucuronoyl esterase OtCE15A'
2 non-polymer 'beta-D-galactopyranuronic acid'
3 non-polymer 'DIMETHYL SULFOXIDE'
4 non-polymer 'MAGNESIUM ION'
5 non-polymer 1,2-ETHANEDIOL
6 non-polymer DI(HYDROXYETHYL)ETHER
7 non-polymer 'TRIETHYLENE GLYCOL'
8 water water
#
_entity_poly.entity_id   1
_entity_poly.type   'polypeptide(L)'
_entity_poly.pdbx_seq_one_letter_code
;MGSSHHHHHHSSENLYFQGHSAYTLPDPLVGADGTRVHDRATWQHRRRPELLQLFAREVYGRTPLGRPEGMVFKVTTMEH
AALGGAATRKEVTVRFGRDPNAPSMQLLLYVPNAVIARAERAPVFLGLNFYGNHTVHTDPAIALSARWIPAEAPNGANHR
ATEAARGSDAQKWPVEQILARGYAVATVYCGDLCPDRPDGLNASVASWLDAAAGDQRAPDAWGAIGVWAWGLSRALDYLE
TDPLVDASRVAVHGHARLGKAALWAGAQDDRFALVISNESGCGGAALSKRIHGETVARINTVFPHWFARNFRRYDDHEEA
LPVDQHELLALVAPRPLYVASAEDDDWADPRGEFLAVKAAEPVFRLFGQTGPSGEDVPRVNEPSGGALRYHIRPGPHGMT
AQDWAFYLAFADEWLKSALPA
;
_entity_poly.pdbx_strand_id   A
#
# COMPACT_ATOMS: atom_id res chain seq x y z
N ALA A 22 22.98 6.98 12.27
CA ALA A 22 22.44 6.74 13.62
C ALA A 22 21.14 5.97 13.57
N TYR A 23 20.64 5.55 14.75
CA TYR A 23 19.50 4.61 14.89
C TYR A 23 18.78 4.47 16.27
N THR A 24 18.07 5.49 16.72
CA THR A 24 17.25 5.39 17.91
C THR A 24 15.88 5.60 17.34
N LEU A 25 14.93 4.74 17.58
CA LEU A 25 13.66 4.96 16.89
C LEU A 25 12.78 5.92 17.68
N PRO A 26 12.08 6.85 17.01
CA PRO A 26 11.10 7.65 17.72
C PRO A 26 9.88 6.84 18.10
N ASP A 27 9.32 7.17 19.27
CA ASP A 27 8.22 6.42 19.83
C ASP A 27 6.90 6.82 19.19
N PRO A 28 6.21 5.90 18.51
CA PRO A 28 4.90 6.26 17.98
C PRO A 28 3.98 6.80 19.04
N LEU A 29 4.16 6.37 20.28
CA LEU A 29 3.25 6.69 21.35
C LEU A 29 3.72 7.84 22.23
N VAL A 30 4.74 8.60 21.82
CA VAL A 30 5.04 9.91 22.39
C VAL A 30 4.76 11.00 21.35
N GLY A 31 3.82 11.90 21.65
CA GLY A 31 3.49 12.97 20.74
C GLY A 31 4.62 13.99 20.56
N ALA A 32 4.45 14.87 19.55
CA ALA A 32 5.50 15.86 19.25
C ALA A 32 5.81 16.75 20.45
N ASP A 33 4.81 17.02 21.31
CA ASP A 33 4.99 17.81 22.52
C ASP A 33 5.38 16.95 23.74
N GLY A 34 5.78 15.70 23.51
CA GLY A 34 6.29 14.85 24.56
C GLY A 34 5.25 14.14 25.39
N THR A 35 3.97 14.40 25.19
CA THR A 35 3.00 13.69 25.99
C THR A 35 2.80 12.25 25.49
N ARG A 36 2.46 11.37 26.43
CA ARG A 36 2.41 9.94 26.14
C ARG A 36 0.99 9.57 25.73
N VAL A 37 0.89 8.91 24.59
CA VAL A 37 -0.40 8.60 23.99
C VAL A 37 -0.92 7.37 24.69
N HIS A 38 -1.95 7.54 25.51
CA HIS A 38 -2.38 6.47 26.39
C HIS A 38 -3.74 5.88 26.03
N ASP A 39 -4.45 6.48 25.08
CA ASP A 39 -5.79 6.03 24.72
C ASP A 39 -5.96 6.11 23.20
N ARG A 40 -7.02 5.46 22.71
CA ARG A 40 -7.21 5.36 21.27
C ARG A 40 -7.70 6.67 20.69
N ALA A 41 -8.50 7.42 21.45
CA ALA A 41 -8.97 8.72 20.97
C ALA A 41 -7.79 9.65 20.73
N THR A 42 -6.90 9.74 21.71
CA THR A 42 -5.72 10.57 21.55
C THR A 42 -4.94 10.16 20.31
N TRP A 43 -4.73 8.85 20.17
CA TRP A 43 -4.08 8.32 18.99
C TRP A 43 -4.82 8.75 17.73
N GLN A 44 -6.12 8.50 17.68
CA GLN A 44 -6.86 8.70 16.45
C GLN A 44 -6.82 10.16 16.00
N HIS A 45 -7.04 11.10 16.92
CA HIS A 45 -7.33 12.47 16.55
C HIS A 45 -6.23 13.47 16.90
N ARG A 46 -5.23 13.11 17.71
CA ARG A 46 -4.02 13.92 17.87
C ARG A 46 -2.79 13.29 17.22
N ARG A 47 -2.40 12.07 17.57
CA ARG A 47 -1.12 11.53 17.09
C ARG A 47 -1.15 11.20 15.59
N ARG A 48 -2.21 10.56 15.10
CA ARG A 48 -2.25 10.18 13.68
C ARG A 48 -2.07 11.39 12.77
N PRO A 49 -2.82 12.47 12.91
CA PRO A 49 -2.57 13.67 12.10
C PRO A 49 -1.13 14.18 12.17
N GLU A 50 -0.45 14.04 13.34
CA GLU A 50 0.96 14.44 13.45
C GLU A 50 1.85 13.58 12.58
N LEU A 51 1.62 12.29 12.62
CA LEU A 51 2.50 11.41 11.86
C LEU A 51 2.21 11.54 10.38
N LEU A 52 0.93 11.59 10.01
CA LEU A 52 0.57 11.77 8.60
C LEU A 52 1.24 13.01 8.03
N GLN A 53 1.29 14.07 8.81
CA GLN A 53 1.84 15.31 8.26
C GLN A 53 3.34 15.28 8.26
N LEU A 54 3.94 14.58 9.22
CA LEU A 54 5.37 14.35 9.18
C LEU A 54 5.77 13.53 7.95
N PHE A 55 5.17 12.34 7.77
CA PHE A 55 5.44 11.55 6.57
C PHE A 55 5.16 12.35 5.29
N ALA A 56 4.08 13.13 5.27
CA ALA A 56 3.78 13.90 4.06
C ALA A 56 4.90 14.90 3.78
N ARG A 57 5.32 15.64 4.81
CA ARG A 57 6.29 16.71 4.60
C ARG A 57 7.73 16.20 4.42
N GLU A 58 8.16 15.20 5.20
CA GLU A 58 9.56 14.84 5.18
C GLU A 58 9.88 13.67 4.23
N VAL A 59 8.88 12.89 3.83
CA VAL A 59 9.20 11.66 3.11
C VAL A 59 8.52 11.63 1.75
N TYR A 60 7.18 11.53 1.73
CA TYR A 60 6.47 11.20 0.50
C TYR A 60 5.96 12.42 -0.24
N GLY A 61 5.83 13.55 0.46
CA GLY A 61 5.23 14.73 -0.08
C GLY A 61 3.73 14.77 0.17
N ARG A 62 3.22 15.99 0.24
CA ARG A 62 1.81 16.22 0.55
C ARG A 62 0.88 15.81 -0.58
N THR A 63 -0.19 15.14 -0.19
CA THR A 63 -1.22 14.72 -1.16
C THR A 63 -2.14 15.91 -1.37
N PRO A 64 -2.13 16.55 -2.55
CA PRO A 64 -2.90 17.80 -2.71
C PRO A 64 -4.38 17.57 -2.94
N LEU A 65 -4.70 16.78 -3.97
CA LEU A 65 -6.07 16.45 -4.35
C LEU A 65 -6.59 15.25 -3.54
N GLY A 66 -7.77 15.39 -2.93
CA GLY A 66 -8.56 14.22 -2.61
C GLY A 66 -9.33 13.75 -3.84
N ARG A 67 -10.60 13.41 -3.67
CA ARG A 67 -11.48 13.17 -4.81
C ARG A 67 -11.53 14.43 -5.67
N PRO A 68 -11.15 14.38 -6.94
CA PRO A 68 -11.40 15.53 -7.82
C PRO A 68 -12.87 15.63 -8.16
N GLU A 69 -13.36 16.85 -8.39
CA GLU A 69 -14.71 16.97 -8.93
C GLU A 69 -14.69 16.62 -10.42
N GLY A 70 -15.78 16.05 -10.87
CA GLY A 70 -15.85 15.70 -12.27
C GLY A 70 -15.23 14.37 -12.60
N MET A 71 -14.86 13.58 -11.60
CA MET A 71 -14.53 12.20 -11.86
C MET A 71 -15.72 11.52 -12.50
N VAL A 72 -15.46 10.71 -13.52
CA VAL A 72 -16.49 9.98 -14.23
C VAL A 72 -16.01 8.56 -14.42
N PHE A 73 -16.89 7.59 -14.16
CA PHE A 73 -16.56 6.20 -14.44
C PHE A 73 -17.37 5.70 -15.63
N LYS A 74 -16.68 5.23 -16.64
CA LYS A 74 -17.27 4.59 -17.80
C LYS A 74 -16.88 3.13 -17.80
N VAL A 75 -17.85 2.24 -17.60
CA VAL A 75 -17.59 0.82 -17.77
C VAL A 75 -17.61 0.52 -19.26
N THR A 76 -16.44 0.29 -19.83
CA THR A 76 -16.29 0.11 -21.26
C THR A 76 -16.55 -1.35 -21.65
N THR A 77 -16.15 -2.29 -20.81
CA THR A 77 -16.33 -3.71 -21.12
C THR A 77 -16.87 -4.42 -19.88
N MET A 78 -17.88 -5.25 -20.08
CA MET A 78 -18.33 -6.17 -19.05
C MET A 78 -18.58 -7.53 -19.67
N GLU A 79 -17.85 -8.54 -19.19
CA GLU A 79 -17.89 -9.89 -19.72
C GLU A 79 -18.35 -10.83 -18.60
N HIS A 80 -19.51 -11.45 -18.79
CA HIS A 80 -20.15 -12.16 -17.70
C HIS A 80 -19.69 -13.61 -17.58
N ALA A 81 -18.81 -14.06 -18.47
CA ALA A 81 -18.36 -15.44 -18.48
C ALA A 81 -16.88 -15.50 -18.79
N ALA A 82 -16.12 -14.57 -18.23
CA ALA A 82 -14.67 -14.63 -18.29
C ALA A 82 -14.15 -15.89 -17.63
N LEU A 83 -12.95 -16.28 -18.06
CA LEU A 83 -12.20 -17.40 -17.48
C LEU A 83 -13.10 -18.62 -17.30
N GLY A 84 -13.89 -18.91 -18.34
CA GLY A 84 -14.72 -20.10 -18.38
C GLY A 84 -16.05 -19.97 -17.69
N GLY A 85 -16.52 -18.75 -17.49
CA GLY A 85 -17.70 -18.54 -16.67
C GLY A 85 -17.39 -18.43 -15.20
N ALA A 86 -16.11 -18.51 -14.82
CA ALA A 86 -15.74 -18.40 -13.42
C ALA A 86 -15.89 -16.98 -12.88
N ALA A 87 -15.74 -15.98 -13.75
CA ALA A 87 -15.62 -14.59 -13.32
C ALA A 87 -16.39 -13.65 -14.23
N THR A 88 -16.79 -12.50 -13.68
CA THR A 88 -17.18 -11.34 -14.48
C THR A 88 -15.98 -10.40 -14.56
N ARG A 89 -15.65 -9.95 -15.76
CA ARG A 89 -14.54 -9.01 -15.95
C ARG A 89 -15.10 -7.67 -16.42
N LYS A 90 -14.80 -6.62 -15.68
CA LYS A 90 -15.16 -5.27 -16.08
C LYS A 90 -13.92 -4.47 -16.45
N GLU A 91 -14.05 -3.60 -17.42
CA GLU A 91 -12.99 -2.65 -17.76
C GLU A 91 -13.59 -1.26 -17.64
N VAL A 92 -12.92 -0.41 -16.88
CA VAL A 92 -13.47 0.86 -16.41
C VAL A 92 -12.43 1.94 -16.66
N THR A 93 -12.83 2.97 -17.36
CA THR A 93 -12.07 4.20 -17.41
C THR A 93 -12.54 5.02 -16.23
N VAL A 94 -11.61 5.40 -15.36
CA VAL A 94 -11.86 6.36 -14.30
C VAL A 94 -11.29 7.68 -14.80
N ARG A 95 -12.15 8.57 -15.24
CA ARG A 95 -11.72 9.83 -15.81
C ARG A 95 -11.71 10.90 -14.72
N PHE A 96 -10.70 11.75 -14.73
CA PHE A 96 -10.54 12.73 -13.67
C PHE A 96 -11.08 14.13 -14.00
N GLY A 97 -11.95 14.25 -15.00
CA GLY A 97 -12.70 15.47 -15.28
C GLY A 97 -13.87 15.12 -16.19
N ARG A 98 -14.88 16.01 -16.20
CA ARG A 98 -16.06 15.74 -17.01
C ARG A 98 -15.73 15.71 -18.49
N ASP A 99 -14.78 16.55 -18.91
CA ASP A 99 -14.38 16.56 -20.32
C ASP A 99 -14.00 15.16 -20.76
N PRO A 100 -14.43 14.71 -21.95
CA PRO A 100 -14.15 13.30 -22.35
C PRO A 100 -12.71 13.04 -22.76
N ASN A 101 -11.89 14.05 -22.94
CA ASN A 101 -10.47 13.82 -23.16
C ASN A 101 -9.63 14.26 -21.95
N ALA A 102 -10.24 14.28 -20.77
CA ALA A 102 -9.50 14.56 -19.55
C ALA A 102 -8.64 13.36 -19.16
N PRO A 103 -7.62 13.58 -18.34
CA PRO A 103 -6.74 12.48 -17.95
C PRO A 103 -7.53 11.35 -17.30
N SER A 104 -7.06 10.13 -17.53
CA SER A 104 -7.78 8.98 -17.03
C SER A 104 -6.83 7.84 -16.67
N MET A 105 -7.38 6.86 -16.00
CA MET A 105 -6.71 5.62 -15.67
C MET A 105 -7.68 4.49 -15.97
N GLN A 106 -7.14 3.33 -16.25
CA GLN A 106 -7.90 2.16 -16.53
C GLN A 106 -7.84 1.13 -15.45
N LEU A 107 -8.98 0.79 -14.93
CA LEU A 107 -9.14 -0.19 -13.85
C LEU A 107 -9.71 -1.48 -14.43
N LEU A 108 -9.02 -2.59 -14.16
CA LEU A 108 -9.49 -3.92 -14.51
C LEU A 108 -9.99 -4.64 -13.27
N LEU A 109 -11.20 -5.21 -13.34
CA LEU A 109 -11.85 -5.89 -12.22
C LEU A 109 -12.31 -7.29 -12.62
N TYR A 110 -11.89 -8.32 -11.88
CA TYR A 110 -12.48 -9.65 -11.99
C TYR A 110 -13.30 -9.93 -10.75
N VAL A 111 -14.54 -10.37 -10.90
CA VAL A 111 -15.40 -10.73 -9.78
C VAL A 111 -15.77 -12.20 -9.88
N PRO A 112 -15.68 -12.97 -8.78
CA PRO A 112 -16.10 -14.39 -8.83
C PRO A 112 -17.62 -14.57 -8.98
N ASN A 113 -18.01 -15.31 -10.00
CA ASN A 113 -19.41 -15.53 -10.34
C ASN A 113 -20.20 -16.25 -9.30
N ALA A 114 -19.57 -17.22 -8.69
CA ALA A 114 -20.16 -17.94 -7.58
C ALA A 114 -20.55 -17.02 -6.44
N VAL A 115 -19.86 -15.88 -6.25
CA VAL A 115 -20.24 -14.99 -5.15
C VAL A 115 -21.40 -14.11 -5.58
N ILE A 116 -21.35 -13.62 -6.83
CA ILE A 116 -22.49 -12.92 -7.38
C ILE A 116 -23.75 -13.78 -7.31
N ALA A 117 -23.62 -15.08 -7.60
CA ALA A 117 -24.80 -15.96 -7.61
C ALA A 117 -25.43 -16.10 -6.22
N ARG A 118 -24.69 -15.77 -5.15
CA ARG A 118 -25.26 -15.79 -3.81
C ARG A 118 -25.82 -14.45 -3.42
N ALA A 119 -25.76 -13.49 -4.34
CA ALA A 119 -26.23 -12.14 -4.10
C ALA A 119 -25.46 -11.46 -2.97
N GLU A 120 -24.15 -11.60 -3.00
CA GLU A 120 -23.28 -10.94 -2.05
C GLU A 120 -22.22 -10.16 -2.81
N ARG A 121 -21.93 -8.97 -2.35
CA ARG A 121 -20.84 -8.21 -2.95
C ARG A 121 -19.53 -8.79 -2.48
N ALA A 122 -18.61 -9.03 -3.44
CA ALA A 122 -17.36 -9.72 -3.13
C ALA A 122 -16.35 -8.78 -2.46
N PRO A 123 -15.64 -9.25 -1.44
CA PRO A 123 -14.45 -8.51 -0.96
C PRO A 123 -13.36 -8.52 -2.03
N VAL A 124 -12.43 -7.57 -1.95
CA VAL A 124 -11.61 -7.25 -3.12
C VAL A 124 -10.16 -7.11 -2.75
N PHE A 125 -9.28 -7.62 -3.64
CA PHE A 125 -7.84 -7.42 -3.58
C PHE A 125 -7.51 -6.35 -4.63
N LEU A 126 -7.05 -5.18 -4.19
CA LEU A 126 -6.77 -4.03 -5.07
C LEU A 126 -5.29 -3.71 -5.01
N GLY A 127 -4.63 -3.75 -6.15
CA GLY A 127 -3.20 -3.46 -6.18
C GLY A 127 -2.81 -2.83 -7.50
N LEU A 128 -1.73 -2.05 -7.47
CA LEU A 128 -1.25 -1.48 -8.71
C LEU A 128 -0.38 -2.49 -9.42
N ASN A 129 -0.34 -2.42 -10.75
CA ASN A 129 0.60 -3.26 -11.50
C ASN A 129 1.65 -2.39 -12.16
N PHE A 130 2.74 -3.06 -12.52
CA PHE A 130 3.94 -2.42 -13.05
C PHE A 130 4.10 -2.54 -14.55
N TYR A 131 3.45 -3.52 -15.18
CA TYR A 131 3.61 -3.78 -16.60
C TYR A 131 2.32 -3.62 -17.40
N GLY A 132 1.18 -3.43 -16.75
CA GLY A 132 -0.05 -3.19 -17.45
C GLY A 132 -1.12 -4.15 -16.99
N ASN A 133 -2.37 -3.74 -17.18
CA ASN A 133 -3.49 -4.50 -16.64
C ASN A 133 -3.52 -5.93 -17.18
N HIS A 134 -3.30 -6.09 -18.48
CA HIS A 134 -3.30 -7.44 -19.05
C HIS A 134 -1.90 -8.02 -19.17
N THR A 135 -1.06 -7.76 -18.17
CA THR A 135 0.10 -8.59 -17.87
C THR A 135 -0.03 -9.37 -16.58
N VAL A 136 -0.98 -9.02 -15.70
CA VAL A 136 -1.13 -9.74 -14.43
C VAL A 136 -1.69 -11.15 -14.72
N ALA A 170 4.35 -11.52 -17.86
CA ALA A 170 5.14 -10.67 -16.96
C ALA A 170 4.28 -10.12 -15.83
N GLN A 171 4.54 -10.59 -14.60
CA GLN A 171 3.98 -10.06 -13.35
C GLN A 171 3.04 -11.07 -12.67
N LYS A 172 2.36 -11.90 -13.46
CA LYS A 172 1.14 -12.60 -13.06
C LYS A 172 0.95 -12.87 -11.58
N TRP A 173 -0.21 -12.38 -11.03
CA TRP A 173 -0.79 -12.78 -9.77
C TRP A 173 -1.68 -14.00 -9.96
N PRO A 174 -1.87 -14.83 -8.95
CA PRO A 174 -2.76 -15.97 -9.12
C PRO A 174 -4.21 -15.53 -9.22
N VAL A 175 -4.56 -14.79 -10.27
CA VAL A 175 -5.93 -14.29 -10.38
C VAL A 175 -6.93 -15.43 -10.22
N GLU A 176 -6.71 -16.55 -10.85
CA GLU A 176 -7.64 -17.63 -10.72
C GLU A 176 -7.75 -18.17 -9.31
N GLN A 177 -6.65 -18.24 -8.57
CA GLN A 177 -6.74 -18.70 -7.17
C GLN A 177 -7.50 -17.71 -6.30
N ILE A 178 -7.17 -16.41 -6.43
CA ILE A 178 -7.88 -15.39 -5.66
C ILE A 178 -9.38 -15.51 -5.91
N LEU A 179 -9.76 -15.56 -7.18
CA LEU A 179 -11.17 -15.71 -7.51
C LEU A 179 -11.72 -17.02 -6.93
N ALA A 180 -11.00 -18.12 -7.13
CA ALA A 180 -11.46 -19.40 -6.61
C ALA A 180 -11.70 -19.32 -5.11
N ARG A 181 -10.97 -18.47 -4.40
CA ARG A 181 -11.11 -18.35 -2.96
C ARG A 181 -12.22 -17.38 -2.54
N GLY A 182 -12.98 -16.83 -3.48
CA GLY A 182 -14.11 -15.98 -3.15
C GLY A 182 -13.82 -14.50 -3.12
N TYR A 183 -12.74 -14.06 -3.75
CA TYR A 183 -12.30 -12.66 -3.70
C TYR A 183 -12.30 -12.07 -5.09
N ALA A 184 -12.78 -10.84 -5.18
CA ALA A 184 -12.52 -10.04 -6.37
C ALA A 184 -11.07 -9.56 -6.42
N VAL A 185 -10.63 -9.22 -7.62
CA VAL A 185 -9.29 -8.69 -7.94
C VAL A 185 -9.48 -7.43 -8.79
N ALA A 186 -8.94 -6.30 -8.33
CA ALA A 186 -8.89 -5.07 -9.12
C ALA A 186 -7.44 -4.60 -9.26
N THR A 187 -7.12 -4.01 -10.41
CA THR A 187 -5.78 -3.51 -10.69
C THR A 187 -5.83 -2.27 -11.60
N VAL A 188 -4.82 -1.41 -11.39
CA VAL A 188 -4.55 -0.24 -12.23
C VAL A 188 -3.06 -0.28 -12.55
N TYR A 189 -2.69 -0.03 -13.82
CA TYR A 189 -1.29 0.15 -14.19
C TYR A 189 -0.71 1.44 -13.60
N CYS A 190 0.45 1.33 -12.92
CA CYS A 190 0.95 2.50 -12.19
C CYS A 190 1.29 3.67 -13.10
N GLY A 191 1.62 3.39 -14.36
CA GLY A 191 2.05 4.42 -15.29
C GLY A 191 0.94 5.28 -15.87
N ASP A 192 -0.33 4.82 -15.82
CA ASP A 192 -1.45 5.73 -16.04
C ASP A 192 -1.45 6.85 -15.01
N LEU A 193 -0.85 6.65 -13.84
CA LEU A 193 -0.88 7.69 -12.82
C LEU A 193 0.41 8.50 -12.80
N CYS A 194 1.58 7.84 -12.78
CA CYS A 194 2.84 8.51 -12.92
C CYS A 194 3.85 7.61 -13.63
N PRO A 195 4.26 8.00 -14.84
CA PRO A 195 5.34 7.27 -15.50
C PRO A 195 6.52 7.11 -14.55
N ASP A 196 7.00 5.86 -14.42
CA ASP A 196 8.12 5.54 -13.53
C ASP A 196 9.41 5.92 -14.26
N ARG A 197 9.70 7.21 -14.23
CA ARG A 197 10.94 7.75 -14.78
C ARG A 197 11.19 9.09 -14.15
N PRO A 198 12.41 9.62 -14.21
CA PRO A 198 12.73 10.78 -13.37
C PRO A 198 12.04 12.06 -13.79
N ASP A 199 11.76 12.27 -15.08
CA ASP A 199 10.88 13.34 -15.50
C ASP A 199 9.42 12.92 -15.56
N GLY A 200 9.06 11.81 -14.89
CA GLY A 200 7.73 11.24 -15.02
C GLY A 200 6.61 12.07 -14.44
N LEU A 201 6.89 12.92 -13.47
CA LEU A 201 5.78 13.72 -12.94
C LEU A 201 5.26 14.76 -13.93
N ASN A 202 6.03 15.11 -14.96
CA ASN A 202 5.52 16.09 -15.91
C ASN A 202 4.44 15.52 -16.82
N ALA A 203 4.32 14.19 -16.92
CA ALA A 203 3.31 13.49 -17.75
C ALA A 203 2.36 12.71 -16.86
N SER A 204 2.04 13.28 -15.71
CA SER A 204 1.37 12.56 -14.65
C SER A 204 0.18 13.35 -14.16
N VAL A 205 -0.63 12.68 -13.35
CA VAL A 205 -1.79 13.33 -12.76
C VAL A 205 -1.38 14.58 -11.98
N ALA A 206 -0.17 14.60 -11.43
CA ALA A 206 0.30 15.76 -10.68
C ALA A 206 0.74 16.93 -11.57
N SER A 207 0.80 16.73 -12.89
CA SER A 207 1.14 17.84 -13.78
C SER A 207 -0.09 18.54 -14.35
N TRP A 208 -1.28 18.01 -14.08
CA TRP A 208 -2.53 18.58 -14.58
C TRP A 208 -3.25 19.33 -13.46
N ASP A 215 9.97 26.46 -11.90
CA ASP A 215 11.35 26.01 -12.09
C ASP A 215 11.54 24.57 -11.62
N GLN A 216 10.54 24.03 -10.91
CA GLN A 216 10.68 22.79 -10.15
C GLN A 216 9.34 22.39 -9.53
N ARG A 217 9.38 21.53 -8.51
CA ARG A 217 8.26 21.25 -7.62
C ARG A 217 8.69 21.67 -6.22
N ALA A 218 7.71 21.95 -5.36
CA ALA A 218 8.05 22.36 -4.01
C ALA A 218 8.71 21.23 -3.22
N PRO A 219 9.48 21.57 -2.19
CA PRO A 219 10.26 20.54 -1.46
C PRO A 219 9.40 19.53 -0.70
N ASP A 220 8.18 19.91 -0.34
CA ASP A 220 7.22 19.01 0.29
C ASP A 220 6.12 18.60 -0.69
N ALA A 221 6.39 18.64 -1.98
CA ALA A 221 5.45 18.17 -2.97
C ALA A 221 5.63 16.66 -3.19
N TRP A 222 4.51 15.99 -3.40
CA TRP A 222 4.50 14.55 -3.60
C TRP A 222 5.30 14.15 -4.83
N GLY A 223 5.83 12.93 -4.81
CA GLY A 223 6.39 12.30 -5.98
C GLY A 223 5.52 11.14 -6.46
N ALA A 224 6.15 10.19 -7.17
CA ALA A 224 5.41 9.09 -7.78
C ALA A 224 4.73 8.17 -6.75
N ILE A 225 5.37 7.93 -5.62
CA ILE A 225 4.75 7.05 -4.62
C ILE A 225 3.44 7.67 -4.14
N GLY A 226 3.42 8.99 -3.95
CA GLY A 226 2.18 9.66 -3.55
C GLY A 226 1.10 9.68 -4.63
N VAL A 227 1.51 9.78 -5.90
CA VAL A 227 0.55 9.80 -7.00
C VAL A 227 -0.01 8.39 -7.23
N TRP A 228 0.85 7.37 -7.14
CA TRP A 228 0.38 5.99 -7.18
C TRP A 228 -0.62 5.72 -6.05
N ALA A 229 -0.29 6.16 -4.85
CA ALA A 229 -1.17 5.90 -3.72
C ALA A 229 -2.53 6.56 -3.90
N TRP A 230 -2.52 7.82 -4.34
CA TRP A 230 -3.76 8.54 -4.64
C TRP A 230 -4.54 7.82 -5.73
N GLY A 231 -3.86 7.22 -6.69
CA GLY A 231 -4.55 6.39 -7.67
C GLY A 231 -5.31 5.23 -7.03
N LEU A 232 -4.71 4.58 -6.01
CA LEU A 232 -5.38 3.46 -5.36
C LEU A 232 -6.65 3.92 -4.66
N SER A 233 -6.61 5.08 -4.02
CA SER A 233 -7.79 5.63 -3.37
C SER A 233 -8.86 5.98 -4.39
N ARG A 234 -8.49 6.45 -5.58
CA ARG A 234 -9.49 6.71 -6.61
C ARG A 234 -10.07 5.41 -7.18
N ALA A 235 -9.25 4.34 -7.26
CA ALA A 235 -9.78 3.02 -7.56
C ALA A 235 -10.84 2.63 -6.53
N LEU A 236 -10.62 3.00 -5.28
CA LEU A 236 -11.59 2.65 -4.24
C LEU A 236 -12.88 3.45 -4.40
N ASP A 237 -12.78 4.73 -4.78
CA ASP A 237 -13.98 5.48 -5.14
C ASP A 237 -14.79 4.73 -6.17
N TYR A 238 -14.15 4.16 -7.18
CA TYR A 238 -14.91 3.40 -8.15
C TYR A 238 -15.55 2.19 -7.49
N LEU A 239 -14.79 1.47 -6.66
CA LEU A 239 -15.32 0.21 -6.14
C LEU A 239 -16.56 0.44 -5.30
N GLU A 240 -16.69 1.63 -4.67
CA GLU A 240 -17.85 2.00 -3.88
C GLU A 240 -19.12 2.13 -4.71
N THR A 241 -18.98 2.46 -5.98
CA THR A 241 -20.16 2.59 -6.83
C THR A 241 -20.50 1.29 -7.54
N ASP A 242 -19.70 0.23 -7.37
CA ASP A 242 -19.90 -1.00 -8.14
C ASP A 242 -20.67 -2.01 -7.29
N PRO A 243 -21.91 -2.38 -7.66
CA PRO A 243 -22.74 -3.22 -6.79
C PRO A 243 -22.24 -4.64 -6.67
N LEU A 244 -21.29 -5.07 -7.47
CA LEU A 244 -20.77 -6.41 -7.34
C LEU A 244 -19.66 -6.53 -6.30
N VAL A 245 -19.16 -5.43 -5.74
CA VAL A 245 -18.02 -5.53 -4.82
C VAL A 245 -18.35 -4.80 -3.54
N ASP A 246 -17.73 -5.25 -2.45
CA ASP A 246 -17.92 -4.61 -1.15
C ASP A 246 -16.71 -3.71 -0.91
N ALA A 247 -16.88 -2.41 -1.22
CA ALA A 247 -15.79 -1.48 -1.05
C ALA A 247 -15.40 -1.29 0.41
N SER A 248 -16.22 -1.75 1.36
CA SER A 248 -15.84 -1.80 2.77
C SER A 248 -14.99 -3.02 3.11
N ARG A 249 -14.71 -3.90 2.15
CA ARG A 249 -13.86 -5.08 2.38
C ARG A 249 -12.78 -5.18 1.30
N VAL A 250 -11.97 -4.13 1.21
CA VAL A 250 -10.91 -4.03 0.21
C VAL A 250 -9.55 -4.17 0.86
N ALA A 251 -8.82 -5.22 0.46
CA ALA A 251 -7.40 -5.41 0.78
C ALA A 251 -6.53 -4.68 -0.23
N VAL A 252 -5.81 -3.66 0.20
CA VAL A 252 -4.96 -2.90 -0.71
C VAL A 252 -3.56 -3.48 -0.54
N HIS A 253 -2.93 -3.81 -1.65
CA HIS A 253 -1.71 -4.58 -1.60
C HIS A 253 -0.75 -4.07 -2.66
N GLY A 254 0.52 -4.35 -2.46
CA GLY A 254 1.51 -3.94 -3.44
C GLY A 254 2.82 -4.65 -3.23
N HIS A 255 3.58 -4.73 -4.31
CA HIS A 255 4.90 -5.36 -4.31
C HIS A 255 5.97 -4.32 -4.59
N ALA A 256 7.02 -4.34 -3.77
CA ALA A 256 8.19 -3.48 -3.97
C ALA A 256 7.77 -2.01 -4.09
N ARG A 257 8.14 -1.28 -5.15
CA ARG A 257 7.82 0.14 -5.17
C ARG A 257 6.32 0.36 -5.06
N LEU A 258 5.53 -0.58 -5.58
CA LEU A 258 4.11 -0.49 -5.49
C LEU A 258 3.58 -0.92 -4.13
N GLY A 259 4.41 -1.59 -3.32
CA GLY A 259 4.04 -1.84 -1.94
C GLY A 259 4.27 -0.62 -1.07
N LYS A 260 5.29 0.17 -1.41
CA LYS A 260 5.43 1.48 -0.78
C LYS A 260 4.17 2.32 -0.98
N ALA A 261 3.67 2.36 -2.21
CA ALA A 261 2.44 3.08 -2.46
C ALA A 261 1.26 2.43 -1.79
N ALA A 262 1.26 1.10 -1.67
CA ALA A 262 0.14 0.46 -0.98
C ALA A 262 0.12 0.85 0.49
N LEU A 263 1.28 0.86 1.14
CA LEU A 263 1.31 1.32 2.52
C LEU A 263 0.88 2.78 2.63
N TRP A 264 1.44 3.65 1.81
CA TRP A 264 1.13 5.07 1.95
C TRP A 264 -0.35 5.32 1.70
N ALA A 265 -0.98 4.55 0.80
CA ALA A 265 -2.42 4.70 0.57
C ALA A 265 -3.23 4.17 1.73
N GLY A 266 -2.80 3.06 2.33
CA GLY A 266 -3.54 2.50 3.45
C GLY A 266 -3.46 3.37 4.69
N ALA A 267 -2.32 4.04 4.91
CA ALA A 267 -2.21 4.93 6.06
C ALA A 267 -3.03 6.20 5.87
N GLN A 268 -2.96 6.81 4.70
CA GLN A 268 -3.71 8.04 4.50
C GLN A 268 -5.21 7.77 4.44
N ASP A 269 -5.62 6.66 3.82
CA ASP A 269 -7.02 6.41 3.48
C ASP A 269 -7.56 5.26 4.34
N ASP A 270 -8.25 5.60 5.43
CA ASP A 270 -8.67 4.58 6.36
C ASP A 270 -9.95 3.88 5.93
N ARG A 271 -10.40 4.13 4.70
CA ARG A 271 -11.43 3.29 4.14
C ARG A 271 -10.91 1.90 3.82
N PHE A 272 -9.61 1.76 3.55
CA PHE A 272 -9.06 0.46 3.16
C PHE A 272 -9.16 -0.49 4.35
N ALA A 273 -9.76 -1.66 4.15
CA ALA A 273 -10.00 -2.57 5.27
C ALA A 273 -8.76 -3.35 5.67
N LEU A 274 -7.83 -3.54 4.74
CA LEU A 274 -6.71 -4.41 5.00
C LEU A 274 -5.60 -3.91 4.10
N VAL A 275 -4.36 -4.00 4.61
CA VAL A 275 -3.19 -3.46 3.93
C VAL A 275 -2.15 -4.57 3.86
N ILE A 276 -1.52 -4.73 2.69
CA ILE A 276 -0.51 -5.77 2.53
C ILE A 276 0.72 -5.16 1.88
N SER A 277 1.87 -5.36 2.52
CA SER A 277 3.16 -4.92 2.02
C SER A 277 4.03 -6.11 1.72
N ASN A 278 4.25 -6.36 0.44
CA ASN A 278 5.13 -7.41 -0.04
C ASN A 278 6.48 -6.78 -0.37
N GLU A 279 7.45 -7.01 0.48
CA GLU A 279 8.85 -6.68 0.17
C GLU A 279 8.97 -5.25 -0.34
N SER A 280 8.32 -4.30 0.35
CA SER A 280 8.39 -2.89 -0.04
C SER A 280 9.70 -2.21 0.35
N GLY A 281 10.40 -2.71 1.36
CA GLY A 281 11.79 -2.31 1.57
C GLY A 281 11.97 -0.86 2.02
N CYS A 282 12.96 -0.21 1.42
CA CYS A 282 13.38 1.11 1.82
C CYS A 282 12.27 2.13 1.55
N GLY A 283 11.91 2.92 2.56
CA GLY A 283 10.79 3.83 2.40
C GLY A 283 9.44 3.14 2.19
N GLY A 284 9.40 1.84 2.45
CA GLY A 284 8.16 1.14 2.66
C GLY A 284 8.10 0.65 4.10
N ALA A 285 8.27 -0.65 4.31
CA ALA A 285 8.20 -1.21 5.66
C ALA A 285 9.54 -1.23 6.38
N ALA A 286 10.67 -1.17 5.68
CA ALA A 286 11.95 -1.33 6.34
C ALA A 286 12.30 -0.07 7.12
N LEU A 287 12.92 -0.26 8.28
CA LEU A 287 13.40 0.86 9.07
C LEU A 287 14.56 1.53 8.34
N SER A 288 14.40 2.80 8.00
CA SER A 288 15.50 3.57 7.42
C SER A 288 16.69 3.71 8.37
N LYS A 289 16.43 3.80 9.66
CA LYS A 289 17.53 4.10 10.57
C LYS A 289 18.47 2.90 10.76
N ARG A 290 18.16 1.75 10.16
CA ARG A 290 19.00 0.58 10.16
C ARG A 290 20.11 0.59 9.09
N ILE A 291 20.01 1.37 8.04
CA ILE A 291 21.16 1.51 7.14
C ILE A 291 21.58 0.17 6.54
N HIS A 292 20.63 -0.61 6.07
CA HIS A 292 20.91 -1.97 5.61
C HIS A 292 20.28 -2.17 4.24
N GLY A 293 21.08 -2.66 3.30
CA GLY A 293 20.58 -2.84 1.95
C GLY A 293 20.39 -1.49 1.31
N GLU A 294 19.24 -1.30 0.70
CA GLU A 294 18.93 0.00 0.13
C GLU A 294 18.87 1.05 1.24
N THR A 295 19.53 2.15 0.99
CA THR A 295 19.52 3.31 1.87
C THR A 295 18.77 4.46 1.21
N VAL A 296 18.49 5.48 2.03
CA VAL A 296 17.80 6.66 1.59
C VAL A 296 18.58 7.37 0.48
N ALA A 297 19.91 7.46 0.63
CA ALA A 297 20.69 8.11 -0.41
C ALA A 297 20.67 7.30 -1.68
N ARG A 298 20.68 5.98 -1.56
CA ARG A 298 20.64 5.17 -2.76
C ARG A 298 19.31 5.33 -3.51
N ILE A 299 18.18 5.33 -2.78
CA ILE A 299 16.88 5.26 -3.43
C ILE A 299 16.50 6.59 -4.03
N ASN A 300 16.87 7.71 -3.37
CA ASN A 300 16.62 9.03 -3.92
C ASN A 300 17.53 9.32 -5.10
N THR A 301 18.70 8.69 -5.14
CA THR A 301 19.61 8.98 -6.25
C THR A 301 19.20 8.24 -7.51
N VAL A 302 18.80 6.98 -7.37
CA VAL A 302 18.34 6.20 -8.51
C VAL A 302 16.91 6.56 -8.88
N PHE A 303 16.04 6.82 -7.91
CA PHE A 303 14.64 7.14 -8.17
C PHE A 303 14.29 8.50 -7.57
N PRO A 304 14.77 9.60 -8.17
CA PRO A 304 14.58 10.94 -7.59
C PRO A 304 13.18 11.48 -7.67
N HIS A 305 12.29 10.85 -8.47
CA HIS A 305 10.91 11.23 -8.58
C HIS A 305 9.97 10.49 -7.61
N TRP A 306 10.45 9.48 -6.88
CA TRP A 306 9.56 8.66 -6.05
C TRP A 306 9.12 9.38 -4.78
N PHE A 307 10.05 10.01 -4.07
CA PHE A 307 9.75 10.68 -2.83
C PHE A 307 9.71 12.19 -3.04
N ALA A 308 9.39 12.88 -1.94
CA ALA A 308 9.50 14.33 -1.88
C ALA A 308 10.96 14.75 -1.92
N ARG A 309 11.21 15.90 -2.55
CA ARG A 309 12.55 16.49 -2.46
C ARG A 309 13.05 16.53 -1.03
N ASN A 310 12.16 16.76 -0.05
CA ASN A 310 12.59 16.82 1.34
C ASN A 310 13.19 15.51 1.85
N PHE A 311 12.85 14.39 1.21
CA PHE A 311 13.39 13.12 1.67
C PHE A 311 14.89 13.10 1.52
N ARG A 312 15.42 13.86 0.56
CA ARG A 312 16.85 13.89 0.30
C ARG A 312 17.66 14.59 1.39
N ARG A 313 17.00 15.33 2.27
CA ARG A 313 17.72 15.89 3.39
C ARG A 313 18.31 14.78 4.23
N TYR A 314 17.73 13.58 4.13
CA TYR A 314 18.07 12.43 4.93
C TYR A 314 19.03 11.50 4.23
N ASP A 315 19.48 11.89 3.04
CA ASP A 315 20.54 11.17 2.36
C ASP A 315 21.75 10.99 3.28
N ASP A 316 22.10 9.74 3.59
CA ASP A 316 23.23 9.45 4.47
C ASP A 316 23.07 10.20 5.79
N HIS A 317 21.87 10.47 6.19
CA HIS A 317 21.62 11.18 7.40
C HIS A 317 20.36 10.70 8.05
N GLU A 318 20.17 9.41 8.09
CA GLU A 318 18.95 8.81 8.63
C GLU A 318 18.79 9.08 10.12
N GLU A 319 19.88 9.42 10.82
CA GLU A 319 19.78 9.75 12.23
C GLU A 319 18.83 10.91 12.43
N ALA A 320 18.81 11.85 11.49
CA ALA A 320 18.05 13.07 11.62
C ALA A 320 16.58 12.85 11.39
N LEU A 321 16.20 11.70 10.81
CA LEU A 321 14.80 11.46 10.52
C LEU A 321 13.96 11.67 11.77
N PRO A 322 12.85 12.42 11.69
CA PRO A 322 11.96 12.56 12.85
C PRO A 322 10.95 11.44 13.00
N VAL A 323 10.89 10.51 12.06
CA VAL A 323 10.03 9.34 12.10
C VAL A 323 10.80 8.19 11.48
N ASP A 324 10.28 6.97 11.62
CA ASP A 324 10.71 5.90 10.76
C ASP A 324 9.48 5.10 10.38
N GLN A 325 9.71 4.05 9.60
CA GLN A 325 8.61 3.37 8.89
C GLN A 325 7.72 2.56 9.80
N HIS A 326 8.19 2.19 11.00
CA HIS A 326 7.29 1.59 11.97
C HIS A 326 6.10 2.51 12.24
N GLU A 327 6.31 3.82 12.20
CA GLU A 327 5.19 4.76 12.39
C GLU A 327 4.26 4.83 11.17
N LEU A 328 4.77 4.65 9.97
CA LEU A 328 3.87 4.44 8.83
C LEU A 328 2.97 3.25 9.07
N LEU A 329 3.56 2.14 9.53
CA LEU A 329 2.79 0.92 9.75
C LEU A 329 1.75 1.13 10.83
N ALA A 330 2.12 1.91 11.86
CA ALA A 330 1.22 2.19 12.97
C ALA A 330 0.00 2.96 12.49
N LEU A 331 0.15 3.71 11.40
CA LEU A 331 -0.99 4.45 10.90
C LEU A 331 -2.05 3.55 10.30
N VAL A 332 -1.78 2.23 10.18
CA VAL A 332 -2.83 1.34 9.68
C VAL A 332 -3.71 0.90 10.85
N ALA A 333 -3.22 0.96 12.07
CA ALA A 333 -3.97 0.47 13.19
C ALA A 333 -5.31 1.22 13.27
N PRO A 334 -6.37 0.54 13.71
CA PRO A 334 -6.49 -0.86 14.14
C PRO A 334 -6.81 -1.83 12.99
N ARG A 335 -6.67 -1.36 11.79
CA ARG A 335 -7.02 -2.24 10.70
C ARG A 335 -5.90 -3.27 10.46
N PRO A 336 -6.24 -4.45 9.96
CA PRO A 336 -5.24 -5.50 9.80
C PRO A 336 -4.21 -5.17 8.75
N LEU A 337 -2.97 -5.48 9.07
CA LEU A 337 -1.83 -5.13 8.25
C LEU A 337 -0.92 -6.34 8.13
N TYR A 338 -0.41 -6.57 6.93
CA TYR A 338 0.49 -7.70 6.68
C TYR A 338 1.75 -7.20 6.01
N VAL A 339 2.89 -7.46 6.62
CA VAL A 339 4.20 -7.13 6.08
C VAL A 339 4.90 -8.45 5.85
N ALA A 340 5.55 -8.59 4.69
CA ALA A 340 6.22 -9.84 4.36
C ALA A 340 7.54 -9.59 3.67
N SER A 341 8.47 -10.50 3.90
CA SER A 341 9.78 -10.37 3.31
C SER A 341 10.16 -11.62 2.55
N ALA A 342 11.24 -11.50 1.78
CA ALA A 342 11.91 -12.63 1.17
C ALA A 342 13.30 -12.83 1.79
N GLU A 343 13.65 -14.10 2.00
CA GLU A 343 14.83 -14.45 2.79
C GLU A 343 16.13 -13.97 2.14
N ASP A 344 16.24 -14.07 0.81
CA ASP A 344 17.42 -13.61 0.12
C ASP A 344 17.37 -12.14 -0.27
N ASP A 345 16.32 -11.42 0.14
CA ASP A 345 16.06 -10.04 -0.32
C ASP A 345 16.72 -9.00 0.60
N ASP A 346 18.06 -9.08 0.65
CA ASP A 346 18.86 -8.24 1.54
C ASP A 346 18.65 -6.76 1.26
N TRP A 347 18.36 -6.42 -0.02
CA TRP A 347 18.15 -5.04 -0.45
C TRP A 347 16.97 -4.40 0.26
N ALA A 348 15.87 -5.14 0.38
CA ALA A 348 14.67 -4.65 1.09
C ALA A 348 14.86 -4.57 2.60
N ASP A 349 15.86 -5.28 3.12
CA ASP A 349 16.19 -5.40 4.54
C ASP A 349 15.12 -6.11 5.37
N PRO A 350 15.10 -7.43 5.30
CA PRO A 350 14.02 -8.20 5.93
C PRO A 350 13.96 -8.03 7.43
N ARG A 351 15.09 -8.17 8.12
CA ARG A 351 15.07 -7.94 9.56
C ARG A 351 14.53 -6.54 9.86
N GLY A 352 14.98 -5.52 9.12
CA GLY A 352 14.42 -4.18 9.27
C GLY A 352 12.94 -4.06 8.98
N GLU A 353 12.43 -4.87 8.04
CA GLU A 353 10.98 -4.92 7.83
C GLU A 353 10.29 -5.55 9.03
N PHE A 354 10.89 -6.62 9.60
CA PHE A 354 10.27 -7.25 10.76
C PHE A 354 10.35 -6.35 11.99
N LEU A 355 11.47 -5.69 12.21
CA LEU A 355 11.59 -4.85 13.39
C LEU A 355 10.69 -3.62 13.31
N ALA A 356 10.41 -3.15 12.11
CA ALA A 356 9.43 -2.08 11.98
C ALA A 356 8.06 -2.55 12.43
N VAL A 357 7.68 -3.79 12.07
CA VAL A 357 6.43 -4.37 12.57
C VAL A 357 6.42 -4.39 14.09
N LYS A 358 7.53 -4.85 14.70
CA LYS A 358 7.57 -4.98 16.16
C LYS A 358 7.49 -3.60 16.84
N ALA A 359 8.15 -2.60 16.27
CA ALA A 359 8.09 -1.27 16.84
C ALA A 359 6.77 -0.57 16.53
N ALA A 360 5.95 -1.14 15.62
CA ALA A 360 4.59 -0.65 15.41
C ALA A 360 3.60 -1.33 16.33
N GLU A 361 3.95 -2.49 16.85
CA GLU A 361 2.95 -3.31 17.52
C GLU A 361 2.33 -2.62 18.72
N PRO A 362 3.05 -1.81 19.49
CA PRO A 362 2.40 -1.13 20.64
C PRO A 362 1.15 -0.37 20.26
N VAL A 363 1.12 0.22 19.07
CA VAL A 363 -0.08 0.94 18.63
C VAL A 363 -1.21 -0.05 18.37
N PHE A 364 -0.91 -1.17 17.73
CA PHE A 364 -1.95 -2.18 17.57
C PHE A 364 -2.41 -2.67 18.93
N ARG A 365 -1.48 -2.85 19.88
CA ARG A 365 -1.87 -3.34 21.20
C ARG A 365 -2.77 -2.34 21.91
N LEU A 366 -2.61 -1.05 21.62
CA LEU A 366 -3.50 -0.03 22.17
C LEU A 366 -4.95 -0.34 21.81
N PHE A 367 -5.17 -0.85 20.61
CA PHE A 367 -6.48 -1.28 20.19
C PHE A 367 -6.75 -2.75 20.51
N GLY A 368 -5.92 -3.36 21.35
CA GLY A 368 -6.14 -4.75 21.71
C GLY A 368 -5.81 -5.75 20.63
N GLN A 369 -4.99 -5.38 19.64
CA GLN A 369 -4.56 -6.27 18.57
C GLN A 369 -3.13 -6.75 18.84
N THR A 370 -2.74 -7.89 18.25
CA THR A 370 -1.41 -8.43 18.50
C THR A 370 -0.60 -8.66 17.21
N GLY A 371 0.71 -8.64 17.38
CA GLY A 371 1.64 -8.72 16.30
C GLY A 371 2.37 -10.04 16.36
N PRO A 372 3.44 -10.20 15.57
CA PRO A 372 4.24 -11.41 15.63
C PRO A 372 4.77 -11.62 17.04
N SER A 373 4.63 -12.83 17.55
CA SER A 373 5.28 -13.05 18.83
C SER A 373 6.75 -13.42 18.58
N GLY A 374 7.54 -13.24 19.60
CA GLY A 374 8.98 -13.31 19.42
C GLY A 374 9.51 -11.96 18.99
N GLU A 375 10.77 -11.70 19.37
CA GLU A 375 11.45 -10.46 19.04
C GLU A 375 12.46 -10.61 17.90
N ASP A 376 12.44 -11.73 17.19
CA ASP A 376 13.24 -11.84 15.96
C ASP A 376 12.44 -12.58 14.91
N VAL A 377 12.97 -12.54 13.67
CA VAL A 377 12.31 -12.98 12.45
C VAL A 377 11.86 -14.42 12.59
N PRO A 378 10.58 -14.74 12.44
CA PRO A 378 10.15 -16.14 12.58
C PRO A 378 10.73 -17.00 11.49
N ARG A 379 10.60 -18.30 11.68
CA ARG A 379 11.07 -19.25 10.69
C ARG A 379 10.35 -19.03 9.37
N VAL A 380 11.02 -19.45 8.28
CA VAL A 380 10.47 -19.26 6.96
C VAL A 380 9.15 -20.01 6.84
N ASN A 381 8.26 -19.47 6.01
CA ASN A 381 6.96 -20.04 5.71
C ASN A 381 6.17 -20.36 6.98
N GLU A 382 6.41 -19.58 8.05
CA GLU A 382 5.62 -19.63 9.28
C GLU A 382 5.12 -18.22 9.57
N PRO A 383 3.94 -17.85 9.08
CA PRO A 383 3.42 -16.52 9.38
C PRO A 383 3.08 -16.39 10.86
N SER A 384 3.19 -15.17 11.35
CA SER A 384 3.01 -14.95 12.78
C SER A 384 2.40 -13.59 13.02
N GLY A 385 1.43 -13.56 13.94
CA GLY A 385 0.77 -12.37 14.36
C GLY A 385 -0.72 -12.50 14.25
N GLY A 386 -1.44 -11.60 14.92
CA GLY A 386 -2.88 -11.51 14.83
C GLY A 386 -3.28 -10.60 13.70
N ALA A 387 -3.86 -9.43 14.03
CA ALA A 387 -4.23 -8.46 13.01
C ALA A 387 -2.99 -7.85 12.35
N LEU A 388 -1.87 -7.91 13.08
CA LEU A 388 -0.57 -7.42 12.65
C LEU A 388 0.31 -8.65 12.43
N ARG A 389 0.63 -8.93 11.17
CA ARG A 389 1.12 -10.24 10.76
C ARG A 389 2.33 -10.12 9.84
N TYR A 390 3.23 -11.08 9.97
CA TYR A 390 4.46 -11.09 9.21
C TYR A 390 4.75 -12.51 8.77
N HIS A 391 5.34 -12.63 7.58
CA HIS A 391 6.04 -13.84 7.21
C HIS A 391 7.26 -13.49 6.39
N ILE A 392 8.23 -14.37 6.43
CA ILE A 392 9.34 -14.34 5.49
C ILE A 392 9.29 -15.66 4.73
N ARG A 393 9.50 -15.60 3.43
CA ARG A 393 9.55 -16.82 2.65
C ARG A 393 10.95 -17.04 2.08
N PRO A 394 11.32 -18.29 1.76
CA PRO A 394 12.59 -18.54 1.06
C PRO A 394 12.66 -17.80 -0.26
N GLY A 395 13.88 -17.64 -0.76
CA GLY A 395 14.08 -17.21 -2.11
C GLY A 395 14.31 -15.72 -2.23
N PRO A 396 14.31 -15.24 -3.48
CA PRO A 396 14.63 -13.84 -3.76
C PRO A 396 13.39 -12.95 -3.87
N HIS A 397 13.66 -11.63 -3.89
CA HIS A 397 12.67 -10.58 -4.12
C HIS A 397 11.69 -10.96 -5.20
N GLY A 398 10.42 -10.84 -4.87
CA GLY A 398 9.34 -11.03 -5.81
C GLY A 398 8.05 -11.23 -5.05
N MET A 399 7.00 -11.50 -5.83
CA MET A 399 5.70 -11.84 -5.27
C MET A 399 5.31 -13.17 -5.86
N THR A 400 5.08 -14.16 -4.99
CA THR A 400 4.92 -15.55 -5.38
C THR A 400 3.59 -16.11 -4.90
N ALA A 401 3.30 -17.33 -5.36
CA ALA A 401 2.11 -18.05 -4.91
C ALA A 401 2.20 -18.38 -3.44
N GLN A 402 3.42 -18.54 -2.93
CA GLN A 402 3.58 -18.71 -1.50
C GLN A 402 3.09 -17.48 -0.73
N ASP A 403 3.57 -16.29 -1.13
CA ASP A 403 3.10 -15.08 -0.47
C ASP A 403 1.57 -15.00 -0.53
N TRP A 404 1.02 -15.26 -1.71
CA TRP A 404 -0.42 -15.09 -1.93
C TRP A 404 -1.25 -16.04 -1.09
N ALA A 405 -0.76 -17.27 -0.88
CA ALA A 405 -1.44 -18.25 -0.04
C ALA A 405 -1.57 -17.74 1.41
N PHE A 406 -0.48 -17.20 1.94
CA PHE A 406 -0.52 -16.57 3.25
C PHE A 406 -1.45 -15.34 3.27
N TYR A 407 -1.45 -14.51 2.23
CA TYR A 407 -2.33 -13.34 2.21
C TYR A 407 -3.79 -13.75 2.19
N LEU A 408 -4.13 -14.79 1.42
CA LEU A 408 -5.51 -15.22 1.32
C LEU A 408 -6.03 -15.80 2.62
N ALA A 409 -5.21 -16.54 3.35
CA ALA A 409 -5.64 -17.03 4.65
C ALA A 409 -5.83 -15.88 5.63
N PHE A 410 -4.92 -14.89 5.62
CA PHE A 410 -5.11 -13.65 6.41
C PHE A 410 -6.42 -12.95 6.05
N ALA A 411 -6.69 -12.77 4.75
CA ALA A 411 -7.96 -12.18 4.37
C ALA A 411 -9.15 -13.03 4.82
N ASP A 412 -9.04 -14.37 4.73
CA ASP A 412 -10.14 -15.22 5.16
C ASP A 412 -10.47 -14.91 6.62
N GLU A 413 -9.46 -14.60 7.41
CA GLU A 413 -9.65 -14.35 8.82
C GLU A 413 -10.31 -13.00 9.06
N TRP A 414 -9.91 -11.97 8.31
CA TRP A 414 -10.29 -10.59 8.64
C TRP A 414 -11.33 -9.96 7.71
N LEU A 415 -11.56 -10.53 6.52
CA LEU A 415 -12.56 -10.01 5.58
C LEU A 415 -13.74 -10.95 5.32
N LYS A 416 -13.64 -12.25 5.63
CA LYS A 416 -14.75 -13.19 5.47
C LYS A 416 -15.16 -13.80 6.81
#